data_3PJY
#
_entry.id   3PJY
#
_cell.length_a   63.435
_cell.length_b   63.435
_cell.length_c   153.938
_cell.angle_alpha   90.000
_cell.angle_beta   90.000
_cell.angle_gamma   90.000
#
_symmetry.space_group_name_H-M   'P 43 21 2'
#
loop_
_entity.id
_entity.type
_entity.pdbx_description
1 polymer 'Hypothetical signal peptide protein'
2 non-polymer 'SULFATE ION'
3 non-polymer 'CHLORIDE ION'
4 water water
#
_entity_poly.entity_id   1
_entity_poly.type   'polypeptide(L)'
_entity_poly.pdbx_seq_one_letter_code
;GEVSYAKERVRLITASGRTHDLTVELAVDPSQREQGL(MSE)YRRQ(MSE)APDHG(MSE)LFDFGETRPV(MSE)
(MSE)W(MSE)KNTYLPLD(MSE)LFIASDGTIRTIHENAVPHSEAIIDSREPVAYVLELNAGTVKRLGVSPGDRLEGAG
LPATKRAN
;
_entity_poly.pdbx_strand_id   A,B
#
# COMPACT_ATOMS: atom_id res chain seq x y z
N GLY A 1 -16.98 16.60 3.21
CA GLY A 1 -15.67 15.91 3.63
C GLY A 1 -15.22 14.94 2.57
N GLU A 2 -13.92 14.60 2.53
CA GLU A 2 -13.47 13.57 1.65
C GLU A 2 -13.96 12.19 2.13
N VAL A 3 -14.47 11.39 1.21
CA VAL A 3 -14.92 10.03 1.51
C VAL A 3 -13.77 9.25 2.13
N SER A 4 -14.04 8.58 3.23
CA SER A 4 -13.00 7.75 3.82
C SER A 4 -13.57 6.44 4.28
N TYR A 5 -12.67 5.49 4.33
CA TYR A 5 -13.00 4.20 4.88
C TYR A 5 -11.93 3.88 5.91
N ALA A 6 -12.31 3.14 6.95
CA ALA A 6 -11.31 2.49 7.76
C ALA A 6 -10.45 1.66 6.77
N LYS A 7 -9.14 1.66 6.98
N LYS A 7 -9.17 1.56 7.06
CA LYS A 7 -8.18 1.08 6.02
CA LYS A 7 -8.35 0.62 6.34
C LYS A 7 -7.19 0.20 6.78
C LYS A 7 -7.71 -0.33 7.28
N GLU A 8 -7.09 -1.08 6.37
N GLU A 8 -7.22 -1.40 6.69
CA GLU A 8 -6.53 -2.20 7.17
CA GLU A 8 -6.39 -2.26 7.45
C GLU A 8 -5.50 -3.00 6.38
C GLU A 8 -5.60 -3.14 6.53
N ARG A 9 -4.45 -3.50 7.05
CA ARG A 9 -3.58 -4.51 6.44
C ARG A 9 -4.18 -5.87 6.70
N VAL A 10 -4.33 -6.64 5.64
CA VAL A 10 -4.83 -7.98 5.74
C VAL A 10 -3.85 -8.86 4.97
N ARG A 11 -4.00 -10.15 5.14
CA ARG A 11 -3.08 -11.09 4.58
C ARG A 11 -3.87 -12.27 4.04
N LEU A 12 -3.65 -12.63 2.78
CA LEU A 12 -4.10 -13.92 2.24
C LEU A 12 -3.06 -14.98 2.53
N ILE A 13 -3.53 -16.15 2.98
CA ILE A 13 -2.64 -17.24 3.34
C ILE A 13 -3.09 -18.44 2.51
N THR A 14 -2.22 -18.90 1.63
CA THR A 14 -2.59 -20.01 0.76
C THR A 14 -2.52 -21.32 1.51
N ALA A 15 -3.18 -22.36 0.99
CA ALA A 15 -3.09 -23.68 1.60
C ALA A 15 -1.65 -24.14 1.71
N SER A 16 -0.81 -23.81 0.73
CA SER A 16 0.61 -24.21 0.79
C SER A 16 1.46 -23.42 1.77
N GLY A 17 0.89 -22.38 2.38
CA GLY A 17 1.62 -21.62 3.37
C GLY A 17 2.21 -20.31 2.96
N ARG A 18 1.96 -19.90 1.72
CA ARG A 18 2.47 -18.62 1.23
C ARG A 18 1.57 -17.52 1.71
N THR A 19 2.15 -16.37 2.00
CA THR A 19 1.36 -15.23 2.45
C THR A 19 1.48 -14.04 1.49
N HIS A 20 0.41 -13.27 1.36
CA HIS A 20 0.38 -12.11 0.48
C HIS A 20 -0.36 -11.00 1.19
N ASP A 21 0.35 -9.93 1.46
CA ASP A 21 -0.20 -8.81 2.19
C ASP A 21 -0.90 -7.82 1.27
N LEU A 22 -1.99 -7.28 1.79
CA LEU A 22 -2.82 -6.30 1.09
C LEU A 22 -3.20 -5.18 2.03
N THR A 23 -3.56 -4.03 1.45
CA THR A 23 -4.20 -2.97 2.22
C THR A 23 -5.58 -2.79 1.63
N VAL A 24 -6.59 -2.90 2.49
CA VAL A 24 -7.96 -2.80 2.04
C VAL A 24 -8.72 -1.70 2.74
N GLU A 25 -9.63 -1.08 2.00
N GLU A 25 -9.61 -1.06 1.99
CA GLU A 25 -10.64 -0.21 2.58
CA GLU A 25 -10.65 -0.21 2.54
C GLU A 25 -11.85 -1.03 3.00
C GLU A 25 -11.72 -1.15 3.10
N LEU A 26 -12.41 -0.72 4.16
CA LEU A 26 -13.56 -1.43 4.74
C LEU A 26 -14.86 -0.73 4.46
N ALA A 27 -15.73 -1.42 3.72
CA ALA A 27 -17.08 -0.94 3.44
C ALA A 27 -18.00 -1.64 4.43
N VAL A 28 -18.56 -0.90 5.38
N VAL A 28 -18.50 -0.87 5.38
CA VAL A 28 -19.27 -1.52 6.52
CA VAL A 28 -19.20 -1.41 6.53
C VAL A 28 -20.69 -1.01 6.84
C VAL A 28 -20.72 -1.23 6.41
N ASP A 29 -21.18 -0.04 6.07
CA ASP A 29 -22.62 0.24 6.10
C ASP A 29 -23.24 0.12 4.74
N PRO A 30 -24.58 0.13 4.64
CA PRO A 30 -25.20 -0.11 3.35
C PRO A 30 -24.73 0.82 2.23
N SER A 31 -24.61 2.11 2.54
N SER A 31 -24.60 2.11 2.53
CA SER A 31 -24.20 3.08 1.51
CA SER A 31 -24.18 3.05 1.49
C SER A 31 -22.78 2.82 1.04
C SER A 31 -22.76 2.81 1.04
N GLN A 32 -21.88 2.44 1.95
CA GLN A 32 -20.52 2.14 1.57
C GLN A 32 -20.48 0.86 0.70
N ARG A 33 -21.20 -0.16 1.13
CA ARG A 33 -21.16 -1.42 0.36
C ARG A 33 -21.75 -1.26 -1.02
N GLU A 34 -22.83 -0.49 -1.14
N GLU A 34 -22.85 -0.50 -1.11
CA GLU A 34 -23.48 -0.29 -2.44
CA GLU A 34 -23.54 -0.24 -2.39
C GLU A 34 -22.62 0.56 -3.39
C GLU A 34 -22.60 0.41 -3.39
N GLN A 35 -21.71 1.36 -2.83
N GLN A 35 -22.02 1.52 -2.98
CA GLN A 35 -20.92 2.29 -3.63
CA GLN A 35 -21.22 2.26 -3.91
C GLN A 35 -19.43 1.94 -3.71
C GLN A 35 -19.93 1.54 -4.27
N GLY A 36 -19.03 0.91 -2.98
N GLY A 36 -19.46 0.69 -3.37
CA GLY A 36 -17.64 0.48 -2.88
CA GLY A 36 -18.29 -0.12 -3.66
C GLY A 36 -17.04 0.22 -4.26
C GLY A 36 -17.11 0.68 -4.21
N LEU A 37 -15.95 0.94 -4.53
N LEU A 37 -16.49 0.14 -5.25
CA LEU A 37 -15.18 0.87 -5.79
CA LEU A 37 -15.34 0.77 -5.87
C LEU A 37 -15.88 1.40 -7.09
C LEU A 37 -15.84 1.51 -7.09
N TYR A 39 -16.53 4.33 -9.63
CA TYR A 39 -15.81 5.53 -10.12
C TYR A 39 -14.28 5.40 -10.22
N ARG A 40 -13.67 4.60 -9.35
CA ARG A 40 -12.23 4.45 -9.32
C ARG A 40 -11.71 3.99 -10.68
N ARG A 41 -10.64 4.63 -11.15
N ARG A 41 -10.64 4.63 -11.17
CA ARG A 41 -10.03 4.26 -12.41
CA ARG A 41 -10.01 4.26 -12.43
C ARG A 41 -8.72 3.50 -12.19
C ARG A 41 -8.63 3.63 -12.24
N GLN A 42 -8.11 3.61 -11.00
CA GLN A 42 -6.84 2.98 -10.74
C GLN A 42 -6.82 2.42 -9.31
N ALA A 44 -3.90 -0.06 -6.88
CA ALA A 44 -2.65 -0.82 -6.84
C ALA A 44 -2.92 -2.31 -6.75
N PRO A 45 -1.97 -3.12 -7.25
CA PRO A 45 -2.14 -4.60 -7.28
C PRO A 45 -2.34 -5.21 -5.90
N ASP A 46 -1.83 -4.55 -4.85
CA ASP A 46 -1.92 -5.03 -3.47
C ASP A 46 -2.98 -4.26 -2.69
N HIS A 47 -3.90 -3.59 -3.38
CA HIS A 47 -5.03 -2.91 -2.74
C HIS A 47 -6.34 -3.55 -3.11
N GLY A 48 -7.33 -3.39 -2.24
CA GLY A 48 -8.68 -3.85 -2.55
C GLY A 48 -9.67 -3.27 -1.58
N LEU A 50 -12.75 -4.51 1.21
CA LEU A 50 -13.37 -5.58 1.97
C LEU A 50 -14.76 -5.12 2.40
N PHE A 51 -15.78 -5.81 1.91
CA PHE A 51 -17.16 -5.52 2.20
C PHE A 51 -17.54 -6.38 3.40
N ASP A 52 -17.96 -5.71 4.46
CA ASP A 52 -18.30 -6.31 5.75
C ASP A 52 -19.81 -6.17 5.94
N PHE A 53 -20.52 -7.27 5.81
CA PHE A 53 -21.99 -7.25 5.82
C PHE A 53 -22.62 -7.22 7.22
N GLY A 54 -21.78 -7.37 8.24
CA GLY A 54 -22.25 -7.27 9.64
C GLY A 54 -23.00 -8.51 10.11
N GLU A 55 -22.95 -9.56 9.31
CA GLU A 55 -23.66 -10.80 9.57
C GLU A 55 -23.34 -11.79 8.48
N THR A 56 -23.77 -13.03 8.67
CA THR A 56 -23.59 -14.09 7.68
C THR A 56 -24.91 -14.36 6.95
N ARG A 57 -24.89 -14.17 5.62
CA ARG A 57 -26.07 -14.37 4.77
C ARG A 57 -25.65 -14.44 3.34
N PRO A 58 -26.53 -14.92 2.46
CA PRO A 58 -26.17 -14.81 1.07
C PRO A 58 -26.05 -13.37 0.63
N VAL A 59 -25.05 -13.10 -0.22
CA VAL A 59 -24.81 -11.75 -0.70
C VAL A 59 -24.79 -11.73 -2.21
N TRP A 62 -22.61 -6.68 -7.97
CA TRP A 62 -22.55 -6.39 -9.41
C TRP A 62 -21.51 -5.28 -9.66
N LYS A 64 -22.22 -2.19 -11.50
CA LYS A 64 -22.68 -0.82 -11.85
C LYS A 64 -21.73 0.26 -11.43
N ASN A 65 -21.49 1.24 -12.34
CA ASN A 65 -20.61 2.37 -12.10
C ASN A 65 -19.20 1.98 -11.75
N THR A 66 -18.83 0.73 -12.07
CA THR A 66 -17.49 0.26 -11.71
C THR A 66 -16.69 0.13 -12.98
N TYR A 67 -15.55 0.82 -13.02
CA TYR A 67 -14.68 0.91 -14.18
C TYR A 67 -13.56 -0.12 -14.16
N LEU A 68 -13.08 -0.49 -12.97
CA LEU A 68 -12.02 -1.45 -12.82
C LEU A 68 -12.57 -2.86 -12.97
N PRO A 69 -11.91 -3.73 -13.76
CA PRO A 69 -12.22 -5.14 -13.68
C PRO A 69 -11.72 -5.70 -12.35
N LEU A 70 -12.52 -6.58 -11.76
CA LEU A 70 -12.28 -7.05 -10.39
C LEU A 70 -12.43 -8.55 -10.22
N ASP A 71 -11.67 -9.12 -9.29
CA ASP A 71 -11.91 -10.45 -8.79
C ASP A 71 -12.70 -10.31 -7.50
N LEU A 73 -13.92 -12.33 -3.98
CA LEU A 73 -13.77 -13.47 -3.11
C LEU A 73 -14.85 -13.41 -2.05
N PHE A 74 -15.60 -14.51 -1.89
CA PHE A 74 -16.69 -14.61 -0.94
C PHE A 74 -16.20 -15.39 0.28
N ILE A 75 -16.23 -14.74 1.45
CA ILE A 75 -15.46 -15.15 2.61
C ILE A 75 -16.35 -15.31 3.84
N ALA A 76 -16.15 -16.44 4.53
CA ALA A 76 -16.83 -16.76 5.81
C ALA A 76 -16.35 -15.87 6.94
N SER A 77 -17.12 -15.85 8.04
CA SER A 77 -16.79 -15.01 9.19
C SER A 77 -15.40 -15.35 9.79
N ASP A 78 -14.94 -16.57 9.63
CA ASP A 78 -13.63 -16.99 10.16
C ASP A 78 -12.49 -16.71 9.17
N GLY A 79 -12.82 -16.04 8.07
CA GLY A 79 -11.80 -15.70 7.06
C GLY A 79 -11.58 -16.72 5.97
N THR A 80 -12.29 -17.83 5.98
CA THR A 80 -12.10 -18.82 4.94
C THR A 80 -12.77 -18.39 3.64
N ILE A 81 -12.01 -18.44 2.56
CA ILE A 81 -12.52 -18.13 1.22
C ILE A 81 -13.39 -19.30 0.74
N ARG A 82 -14.70 -19.06 0.61
CA ARG A 82 -15.65 -20.09 0.18
C ARG A 82 -15.68 -20.30 -1.33
N THR A 83 -15.88 -19.20 -2.06
CA THR A 83 -15.92 -19.21 -3.53
C THR A 83 -15.28 -17.93 -4.05
N ILE A 84 -14.91 -17.96 -5.33
CA ILE A 84 -14.25 -16.87 -6.02
C ILE A 84 -14.85 -16.69 -7.37
N HIS A 85 -15.22 -15.45 -7.70
CA HIS A 85 -15.63 -15.09 -9.06
C HIS A 85 -14.55 -14.19 -9.63
N GLU A 86 -13.71 -14.73 -10.51
CA GLU A 86 -12.65 -13.92 -11.13
C GLU A 86 -13.19 -13.12 -12.29
N ASN A 87 -12.54 -12.00 -12.57
CA ASN A 87 -12.75 -11.24 -13.81
C ASN A 87 -14.20 -10.78 -14.00
N ALA A 88 -14.77 -10.23 -12.93
CA ALA A 88 -16.02 -9.49 -13.05
C ALA A 88 -15.80 -8.30 -14.01
N VAL A 89 -16.86 -7.96 -14.73
CA VAL A 89 -16.81 -7.11 -15.91
C VAL A 89 -17.25 -5.67 -15.60
N PRO A 90 -16.40 -4.66 -15.90
CA PRO A 90 -16.78 -3.29 -15.70
C PRO A 90 -18.16 -2.95 -16.27
N HIS A 91 -18.97 -2.29 -15.46
CA HIS A 91 -20.29 -1.80 -15.82
C HIS A 91 -21.33 -2.87 -15.97
N SER A 92 -20.97 -4.14 -15.78
CA SER A 92 -21.94 -5.20 -15.96
C SER A 92 -22.95 -5.21 -14.81
N GLU A 93 -24.22 -5.23 -15.17
CA GLU A 93 -25.30 -5.38 -14.20
C GLU A 93 -25.58 -6.83 -13.83
N ALA A 94 -24.81 -7.78 -14.37
CA ALA A 94 -24.99 -9.18 -13.99
C ALA A 94 -24.79 -9.34 -12.49
N ILE A 95 -25.72 -10.05 -11.88
CA ILE A 95 -25.65 -10.24 -10.42
C ILE A 95 -24.85 -11.48 -10.12
N ILE A 96 -23.84 -11.31 -9.27
N ILE A 96 -23.80 -11.31 -9.32
CA ILE A 96 -22.91 -12.36 -8.88
CA ILE A 96 -22.90 -12.40 -8.91
C ILE A 96 -23.28 -12.75 -7.45
C ILE A 96 -23.27 -12.75 -7.48
N ASP A 97 -23.68 -14.00 -7.28
CA ASP A 97 -24.17 -14.51 -5.99
C ASP A 97 -23.12 -15.27 -5.22
N SER A 98 -23.04 -15.06 -3.91
CA SER A 98 -22.31 -15.99 -3.08
C SER A 98 -23.00 -17.37 -3.03
N ARG A 99 -24.32 -17.35 -3.16
CA ARG A 99 -25.23 -18.49 -3.10
C ARG A 99 -25.35 -18.98 -1.68
N GLU A 100 -24.26 -19.50 -1.12
N GLU A 100 -24.29 -19.51 -1.11
CA GLU A 100 -24.23 -19.82 0.28
CA GLU A 100 -24.31 -19.85 0.29
C GLU A 100 -24.04 -18.56 1.14
C GLU A 100 -23.95 -18.63 1.16
N PRO A 101 -24.32 -18.67 2.44
CA PRO A 101 -24.12 -17.52 3.31
C PRO A 101 -22.63 -17.24 3.54
N VAL A 102 -22.26 -15.97 3.49
CA VAL A 102 -20.90 -15.51 3.79
C VAL A 102 -20.99 -14.23 4.61
N ALA A 103 -19.85 -13.79 5.15
CA ALA A 103 -19.77 -12.62 6.02
C ALA A 103 -19.09 -11.39 5.33
N TYR A 104 -18.21 -11.67 4.36
CA TYR A 104 -17.42 -10.66 3.66
C TYR A 104 -17.29 -10.93 2.17
N VAL A 105 -17.04 -9.87 1.41
CA VAL A 105 -16.51 -10.02 0.04
C VAL A 105 -15.25 -9.18 -0.05
N LEU A 106 -14.18 -9.75 -0.58
CA LEU A 106 -12.96 -9.03 -0.89
C LEU A 106 -12.91 -8.82 -2.40
N GLU A 107 -12.77 -7.56 -2.83
CA GLU A 107 -12.58 -7.26 -4.22
C GLU A 107 -11.16 -6.78 -4.45
N LEU A 108 -10.54 -7.38 -5.46
CA LEU A 108 -9.18 -7.12 -5.84
C LEU A 108 -9.17 -6.79 -7.33
N ASN A 109 -8.08 -6.23 -7.85
CA ASN A 109 -7.95 -6.15 -9.33
C ASN A 109 -8.16 -7.49 -9.99
N ALA A 110 -8.83 -7.51 -11.13
CA ALA A 110 -8.99 -8.73 -11.87
C ALA A 110 -7.62 -9.33 -12.14
N GLY A 111 -7.53 -10.64 -12.00
CA GLY A 111 -6.29 -11.39 -12.27
C GLY A 111 -5.45 -11.56 -11.01
N THR A 112 -5.80 -10.88 -9.92
CA THR A 112 -5.01 -10.96 -8.69
C THR A 112 -5.03 -12.36 -8.08
N VAL A 113 -6.19 -12.99 -8.04
CA VAL A 113 -6.29 -14.36 -7.49
C VAL A 113 -5.34 -15.31 -8.22
N LYS A 114 -5.36 -15.27 -9.55
N LYS A 114 -5.37 -15.26 -9.55
CA LYS A 114 -4.48 -16.11 -10.33
CA LYS A 114 -4.47 -16.06 -10.37
C LYS A 114 -3.01 -15.74 -10.09
C LYS A 114 -3.01 -15.74 -10.07
N ARG A 115 -2.69 -14.44 -10.08
CA ARG A 115 -1.30 -14.02 -9.89
C ARG A 115 -0.74 -14.48 -8.54
N LEU A 116 -1.58 -14.41 -7.50
CA LEU A 116 -1.17 -14.81 -6.12
C LEU A 116 -1.33 -16.31 -5.82
N GLY A 117 -1.89 -17.08 -6.74
CA GLY A 117 -2.09 -18.50 -6.55
C GLY A 117 -3.06 -18.84 -5.44
N VAL A 118 -4.09 -18.00 -5.31
CA VAL A 118 -5.15 -18.17 -4.32
C VAL A 118 -6.27 -19.04 -4.84
N SER A 119 -6.85 -19.82 -3.91
N SER A 119 -6.89 -19.79 -3.94
CA SER A 119 -7.85 -20.86 -4.18
CA SER A 119 -7.96 -20.69 -4.31
C SER A 119 -8.95 -20.72 -3.15
C SER A 119 -8.92 -20.83 -3.16
N PRO A 120 -10.16 -21.25 -3.45
CA PRO A 120 -11.12 -21.51 -2.37
C PRO A 120 -10.51 -22.43 -1.31
N GLY A 121 -10.79 -22.12 -0.05
CA GLY A 121 -10.21 -22.84 1.07
C GLY A 121 -9.02 -22.10 1.69
N ASP A 122 -8.49 -21.12 0.96
CA ASP A 122 -7.45 -20.25 1.50
C ASP A 122 -8.07 -19.29 2.53
N ARG A 123 -7.24 -18.60 3.27
CA ARG A 123 -7.70 -17.78 4.41
C ARG A 123 -7.28 -16.33 4.23
N LEU A 124 -8.16 -15.45 4.66
CA LEU A 124 -7.85 -14.04 4.89
C LEU A 124 -7.71 -13.80 6.39
N GLU A 125 -6.58 -13.23 6.82
N GLU A 125 -6.58 -13.20 6.75
CA GLU A 125 -6.46 -12.79 8.20
CA GLU A 125 -6.22 -12.80 8.11
C GLU A 125 -6.25 -11.30 8.31
C GLU A 125 -6.27 -11.27 8.26
N GLY A 126 -6.80 -10.74 9.37
CA GLY A 126 -6.54 -9.33 9.72
C GLY A 126 -7.03 -8.98 11.12
N ALA A 127 -7.02 -7.69 11.48
CA ALA A 127 -7.73 -7.21 12.69
C ALA A 127 -9.26 -7.41 12.49
N GLY A 128 -9.88 -8.28 13.29
CA GLY A 128 -11.30 -8.62 13.10
C GLY A 128 -11.58 -9.91 12.34
N LEU A 129 -10.56 -10.47 11.68
CA LEU A 129 -10.66 -11.80 11.03
C LEU A 129 -9.80 -12.84 11.76
N GLY B 1 25.05 -1.37 -18.45
CA GLY B 1 23.72 -0.97 -19.02
C GLY B 1 23.07 0.18 -18.27
N GLU B 2 21.75 0.28 -18.37
CA GLU B 2 21.00 1.26 -17.64
C GLU B 2 21.08 0.95 -16.14
N VAL B 3 21.28 1.96 -15.33
CA VAL B 3 21.27 1.79 -13.88
C VAL B 3 19.95 1.21 -13.41
N SER B 4 20.03 0.24 -12.53
CA SER B 4 18.83 -0.42 -12.01
C SER B 4 18.80 -0.30 -10.50
N TYR B 5 17.58 -0.38 -9.97
CA TYR B 5 17.34 -0.36 -8.53
C TYR B 5 16.35 -1.47 -8.20
N ALA B 6 16.58 -2.17 -7.11
CA ALA B 6 15.55 -3.00 -6.55
C ALA B 6 14.37 -2.09 -6.17
N LYS B 7 13.16 -2.55 -6.41
CA LYS B 7 11.97 -1.83 -5.98
C LYS B 7 11.30 -2.61 -4.87
N GLU B 8 10.60 -1.92 -3.98
N GLU B 8 10.85 -1.84 -3.88
CA GLU B 8 9.77 -2.64 -3.04
CA GLU B 8 10.22 -2.39 -2.72
C GLU B 8 8.62 -1.79 -2.50
C GLU B 8 8.89 -1.67 -2.57
N ARG B 9 7.55 -2.50 -2.14
N ARG B 9 7.95 -2.40 -1.97
CA ARG B 9 6.44 -1.90 -1.43
CA ARG B 9 6.70 -1.81 -1.52
C ARG B 9 6.83 -1.70 0.02
C ARG B 9 6.74 -1.72 0.01
N VAL B 10 6.62 -0.48 0.50
CA VAL B 10 6.80 -0.17 1.89
C VAL B 10 5.53 0.56 2.33
N ARG B 11 5.42 0.74 3.63
CA ARG B 11 4.30 1.51 4.15
C ARG B 11 4.68 2.36 5.32
N LEU B 12 4.08 3.53 5.33
CA LEU B 12 4.16 4.44 6.46
C LEU B 12 2.96 4.24 7.35
N ILE B 13 3.23 4.07 8.65
CA ILE B 13 2.19 3.81 9.64
C ILE B 13 2.27 4.95 10.64
N THR B 14 1.17 5.66 10.84
CA THR B 14 1.19 6.82 11.72
C THR B 14 0.68 6.47 13.09
N ALA B 15 0.83 7.41 14.02
CA ALA B 15 0.37 7.24 15.37
C ALA B 15 -1.10 6.94 15.49
N SER B 16 -1.91 7.48 14.57
CA SER B 16 -3.35 7.21 14.53
C SER B 16 -3.68 5.82 13.97
N GLY B 17 -2.68 5.11 13.50
CA GLY B 17 -2.91 3.78 12.91
C GLY B 17 -3.13 3.82 11.42
N ARG B 18 -3.17 5.00 10.82
CA ARG B 18 -3.32 5.12 9.36
C ARG B 18 -2.12 4.54 8.65
N THR B 19 -2.38 3.77 7.58
CA THR B 19 -1.33 3.12 6.82
C THR B 19 -1.41 3.66 5.41
N HIS B 20 -0.24 3.84 4.81
CA HIS B 20 -0.15 4.29 3.42
C HIS B 20 1.01 3.64 2.70
N ASP B 21 0.73 3.02 1.57
CA ASP B 21 1.73 2.33 0.81
C ASP B 21 2.46 3.22 -0.18
N LEU B 22 3.73 2.91 -0.35
CA LEU B 22 4.62 3.56 -1.30
C LEU B 22 5.39 2.51 -2.05
N THR B 23 5.87 2.88 -3.24
CA THR B 23 6.82 2.06 -3.99
C THR B 23 8.12 2.84 -4.00
N VAL B 24 9.17 2.20 -3.54
CA VAL B 24 10.46 2.84 -3.47
C VAL B 24 11.52 2.12 -4.26
N GLU B 25 12.42 2.91 -4.86
CA GLU B 25 13.69 2.39 -5.36
C GLU B 25 14.69 2.35 -4.22
N LEU B 26 15.43 1.25 -4.13
N LEU B 26 15.41 1.25 -4.10
CA LEU B 26 16.41 1.08 -3.07
CA LEU B 26 16.43 1.11 -3.08
C LEU B 26 17.80 1.51 -3.51
C LEU B 26 17.77 1.60 -3.59
N ALA B 27 18.32 2.56 -2.88
CA ALA B 27 19.68 3.06 -3.15
C ALA B 27 20.56 2.40 -2.10
N VAL B 28 21.34 1.43 -2.56
N VAL B 28 21.30 1.37 -2.47
CA VAL B 28 22.21 0.61 -1.72
CA VAL B 28 22.08 0.58 -1.49
C VAL B 28 23.70 0.90 -2.01
C VAL B 28 23.59 0.74 -1.61
N ASP B 29 24.10 0.77 -3.27
N ASP B 29 24.07 0.94 -2.83
CA ASP B 29 25.48 1.02 -3.64
CA ASP B 29 25.51 1.00 -3.03
C ASP B 29 25.89 2.47 -3.22
C ASP B 29 25.90 2.47 -3.18
N PRO B 30 27.20 2.74 -3.03
CA PRO B 30 27.62 4.13 -2.89
C PRO B 30 27.19 5.03 -4.06
N SER B 31 27.32 4.54 -5.30
N SER B 31 27.35 4.53 -5.29
CA SER B 31 26.99 5.40 -6.41
CA SER B 31 27.02 5.32 -6.46
C SER B 31 25.48 5.69 -6.45
C SER B 31 25.51 5.66 -6.50
N GLN B 32 24.66 4.70 -6.11
CA GLN B 32 23.22 4.89 -6.05
C GLN B 32 22.87 5.94 -4.98
N ARG B 33 23.50 5.83 -3.82
CA ARG B 33 23.20 6.75 -2.71
C ARG B 33 23.65 8.16 -3.06
N GLU B 34 24.80 8.30 -3.73
CA GLU B 34 25.30 9.64 -4.10
C GLU B 34 24.47 10.24 -5.21
N GLN B 35 24.07 9.43 -6.19
CA GLN B 35 23.28 9.95 -7.33
C GLN B 35 21.88 10.31 -6.86
N GLY B 36 21.35 9.58 -5.88
CA GLY B 36 20.03 9.89 -5.38
C GLY B 36 19.04 10.09 -6.52
N LEU B 37 18.26 11.16 -6.43
CA LEU B 37 17.25 11.52 -7.43
C LEU B 37 17.76 12.67 -8.31
N TYR B 39 18.88 14.88 -11.27
CA TYR B 39 18.45 15.04 -12.67
C TYR B 39 17.04 14.61 -13.02
N ARG B 40 16.37 13.79 -12.21
CA ARG B 40 15.01 13.39 -12.50
C ARG B 40 14.10 14.58 -12.54
N ARG B 41 13.18 14.57 -13.50
N ARG B 41 13.16 14.56 -13.50
CA ARG B 41 12.28 15.72 -13.64
CA ARG B 41 12.19 15.65 -13.61
C ARG B 41 10.89 15.43 -13.08
C ARG B 41 10.75 15.24 -13.33
N GLN B 42 10.58 14.16 -12.87
N GLN B 42 10.53 13.97 -13.00
CA GLN B 42 9.28 13.80 -12.33
CA GLN B 42 9.19 13.54 -12.61
C GLN B 42 9.41 12.60 -11.43
C GLN B 42 9.28 12.39 -11.63
N ALA B 44 6.21 10.03 -9.27
CA ALA B 44 4.81 9.89 -8.87
C ALA B 44 4.59 10.12 -7.41
N PRO B 45 3.37 10.55 -7.03
CA PRO B 45 3.21 10.97 -5.63
C PRO B 45 3.46 9.86 -4.58
N ASP B 46 3.13 8.61 -4.93
CA ASP B 46 3.37 7.49 -4.01
C ASP B 46 4.69 6.73 -4.30
N HIS B 47 5.62 7.38 -4.98
N HIS B 47 5.61 7.40 -4.97
CA HIS B 47 6.93 6.80 -5.25
CA HIS B 47 6.93 6.86 -5.24
C HIS B 47 8.02 7.63 -4.58
C HIS B 47 7.98 7.62 -4.42
N GLY B 48 9.07 6.94 -4.14
CA GLY B 48 10.21 7.58 -3.53
C GLY B 48 11.46 6.76 -3.65
N LEU B 50 14.48 5.06 -1.21
CA LEU B 50 14.87 4.67 0.13
C LEU B 50 16.39 4.39 0.08
N PHE B 51 17.11 5.22 0.80
CA PHE B 51 18.57 5.15 0.91
C PHE B 51 18.87 4.20 2.07
N ASP B 52 19.57 3.11 1.80
CA ASP B 52 19.91 2.08 2.79
C ASP B 52 21.40 2.16 3.00
N PHE B 53 21.82 2.75 4.11
CA PHE B 53 23.24 3.00 4.39
C PHE B 53 24.01 1.78 4.85
N GLY B 54 23.28 0.72 5.17
CA GLY B 54 23.89 -0.53 5.61
C GLY B 54 24.57 -0.48 6.97
N GLU B 55 24.21 0.53 7.76
CA GLU B 55 24.78 0.72 9.08
C GLU B 55 23.97 1.83 9.74
N THR B 56 24.05 1.91 11.07
CA THR B 56 23.50 3.02 11.82
C THR B 56 24.62 3.99 12.18
N ARG B 57 24.49 5.21 11.68
CA ARG B 57 25.51 6.25 11.79
C ARG B 57 24.85 7.55 11.35
N PRO B 58 25.32 8.72 11.84
CA PRO B 58 24.71 9.93 11.26
C PRO B 58 24.99 10.04 9.78
N VAL B 59 24.06 10.67 9.05
CA VAL B 59 24.23 10.84 7.62
C VAL B 59 23.96 12.29 7.21
N TRP B 62 22.01 16.15 0.68
CA TRP B 62 21.89 17.45 -0.01
C TRP B 62 21.07 17.33 -1.28
N LYS B 64 22.16 18.69 -4.38
CA LYS B 64 23.00 18.93 -5.54
C LYS B 64 22.46 18.17 -6.75
N ASN B 65 22.30 18.93 -7.83
CA ASN B 65 21.78 18.44 -9.11
C ASN B 65 20.37 17.86 -9.05
N THR B 66 19.65 18.13 -7.97
CA THR B 66 18.30 17.56 -7.78
C THR B 66 17.28 18.64 -8.12
N TYR B 67 16.42 18.35 -9.10
CA TYR B 67 15.43 19.27 -9.63
C TYR B 67 14.08 19.20 -8.89
N LEU B 68 13.73 18.01 -8.42
CA LEU B 68 12.45 17.79 -7.73
C LEU B 68 12.59 18.32 -6.30
N PRO B 69 11.65 19.18 -5.84
CA PRO B 69 11.65 19.47 -4.41
C PRO B 69 11.26 18.20 -3.64
N LEU B 70 11.92 17.97 -2.51
CA LEU B 70 11.76 16.68 -1.76
C LEU B 70 11.49 16.92 -0.29
N ASP B 71 10.76 15.97 0.31
CA ASP B 71 10.73 15.78 1.74
C ASP B 71 11.69 14.62 2.10
N LEU B 73 12.98 11.96 5.14
CA LEU B 73 12.64 11.33 6.41
C LEU B 73 13.87 10.49 6.84
N PHE B 74 14.40 10.79 8.03
CA PHE B 74 15.58 10.12 8.61
C PHE B 74 15.09 9.04 9.54
N ILE B 75 15.46 7.80 9.28
CA ILE B 75 14.79 6.64 9.82
C ILE B 75 15.74 5.71 10.54
N ALA B 76 15.34 5.28 11.73
CA ALA B 76 16.16 4.35 12.52
C ALA B 76 16.09 2.93 11.95
N SER B 77 16.98 2.04 12.42
CA SER B 77 16.94 0.65 11.93
C SER B 77 15.63 -0.11 12.16
N ASP B 78 14.90 0.29 13.19
CA ASP B 78 13.62 -0.34 13.50
C ASP B 78 12.44 0.30 12.74
N GLY B 79 12.77 1.25 11.87
CA GLY B 79 11.75 1.92 11.05
C GLY B 79 11.17 3.20 11.65
N THR B 80 11.57 3.58 12.87
CA THR B 80 11.07 4.82 13.45
C THR B 80 11.60 6.04 12.72
N ILE B 81 10.69 6.93 12.34
CA ILE B 81 11.08 8.18 11.75
C ILE B 81 11.55 9.10 12.87
N ARG B 82 12.83 9.43 12.86
CA ARG B 82 13.47 10.23 13.91
C ARG B 82 13.28 11.70 13.66
N THR B 83 13.59 12.15 12.45
CA THR B 83 13.43 13.52 12.08
C THR B 83 12.98 13.62 10.62
N ILE B 84 12.40 14.76 10.30
CA ILE B 84 11.86 15.02 8.98
C ILE B 84 12.29 16.39 8.55
N HIS B 85 12.84 16.47 7.34
CA HIS B 85 13.14 17.75 6.72
C HIS B 85 12.24 17.92 5.52
N GLU B 86 11.21 18.75 5.66
CA GLU B 86 10.28 18.99 4.57
C GLU B 86 10.86 20.06 3.63
N ASN B 87 10.48 19.96 2.36
CA ASN B 87 10.74 21.00 1.38
C ASN B 87 12.21 21.35 1.24
N ALA B 88 13.05 20.31 1.10
CA ALA B 88 14.44 20.50 0.71
C ALA B 88 14.43 21.24 -0.64
N VAL B 89 15.44 22.08 -0.84
CA VAL B 89 15.45 23.05 -1.93
C VAL B 89 16.23 22.53 -3.16
N PRO B 90 15.55 22.46 -4.31
CA PRO B 90 16.24 21.99 -5.50
C PRO B 90 17.56 22.72 -5.77
N HIS B 91 18.54 21.93 -6.16
CA HIS B 91 19.89 22.41 -6.51
C HIS B 91 20.79 22.85 -5.34
N SER B 92 20.26 22.87 -4.13
CA SER B 92 21.03 23.40 -3.00
C SER B 92 22.08 22.43 -2.49
N GLU B 93 23.31 22.92 -2.37
N GLU B 93 23.29 22.95 -2.27
CA GLU B 93 24.37 22.13 -1.76
CA GLU B 93 24.40 22.20 -1.70
C GLU B 93 24.45 22.26 -0.21
C GLU B 93 24.50 22.34 -0.17
N ALA B 94 23.46 22.91 0.42
CA ALA B 94 23.39 22.95 1.88
C ALA B 94 23.20 21.56 2.43
N ILE B 95 24.04 21.17 3.38
CA ILE B 95 23.95 19.86 4.02
C ILE B 95 22.80 19.83 4.96
N ILE B 96 22.01 18.76 4.84
CA ILE B 96 20.93 18.45 5.74
C ILE B 96 21.39 17.24 6.55
N ASP B 97 21.69 17.47 7.83
CA ASP B 97 22.28 16.44 8.67
C ASP B 97 21.20 15.70 9.42
N SER B 98 21.37 14.40 9.62
CA SER B 98 20.43 13.62 10.38
C SER B 98 20.48 14.02 11.87
N ARG B 99 21.58 14.59 12.35
CA ARG B 99 21.69 15.10 13.74
C ARG B 99 21.87 14.00 14.80
N GLU B 100 21.84 12.76 14.37
CA GLU B 100 21.91 11.60 15.23
C GLU B 100 21.99 10.36 14.31
N PRO B 101 22.37 9.22 14.88
CA PRO B 101 22.55 8.03 14.02
C PRO B 101 21.24 7.53 13.45
N VAL B 102 21.21 7.19 12.17
CA VAL B 102 20.07 6.58 11.52
C VAL B 102 20.56 5.49 10.56
N ALA B 103 19.62 4.71 10.03
CA ALA B 103 19.93 3.59 9.15
C ALA B 103 19.44 3.79 7.71
N TYR B 104 18.45 4.66 7.53
CA TYR B 104 17.82 4.91 6.22
C TYR B 104 17.43 6.35 6.10
N VAL B 105 17.31 6.81 4.87
CA VAL B 105 16.63 8.07 4.55
C VAL B 105 15.61 7.74 3.45
N LEU B 106 14.39 8.22 3.63
CA LEU B 106 13.35 8.14 2.57
C LEU B 106 13.18 9.52 1.97
N GLU B 107 13.36 9.61 0.64
CA GLU B 107 13.05 10.83 -0.07
C GLU B 107 11.75 10.68 -0.84
N LEU B 108 10.85 11.62 -0.64
CA LEU B 108 9.55 11.67 -1.28
C LEU B 108 9.36 13.04 -1.93
N ASN B 109 8.37 13.17 -2.82
CA ASN B 109 8.07 14.48 -3.35
C ASN B 109 7.77 15.44 -2.20
N ALA B 110 8.24 16.67 -2.31
CA ALA B 110 7.86 17.67 -1.29
C ALA B 110 6.37 17.77 -1.14
N GLY B 111 5.92 17.88 0.10
CA GLY B 111 4.49 17.94 0.42
C GLY B 111 3.90 16.60 0.78
N THR B 112 4.65 15.52 0.54
CA THR B 112 4.13 14.16 0.82
C THR B 112 3.88 13.93 2.31
N VAL B 113 4.78 14.43 3.15
CA VAL B 113 4.62 14.26 4.62
C VAL B 113 3.33 14.86 5.07
N LYS B 114 3.06 16.07 4.61
CA LYS B 114 1.76 16.70 4.92
C LYS B 114 0.56 15.97 4.34
N ARG B 115 0.64 15.58 3.08
CA ARG B 115 -0.44 14.88 2.43
C ARG B 115 -0.83 13.62 3.18
N LEU B 116 0.16 12.94 3.78
CA LEU B 116 -0.06 11.63 4.42
C LEU B 116 -0.26 11.73 5.94
N GLY B 117 -0.14 12.93 6.49
CA GLY B 117 -0.30 13.14 7.94
C GLY B 117 0.74 12.42 8.77
N VAL B 118 1.97 12.43 8.26
CA VAL B 118 3.10 11.80 8.92
C VAL B 118 3.86 12.75 9.82
N SER B 119 4.34 12.24 10.96
CA SER B 119 5.06 13.00 11.96
C SER B 119 6.27 12.22 12.42
N PRO B 120 7.28 12.88 12.99
CA PRO B 120 8.31 12.13 13.70
C PRO B 120 7.71 11.21 14.73
N GLY B 121 8.28 10.01 14.82
CA GLY B 121 7.81 8.98 15.69
C GLY B 121 6.92 7.98 14.98
N ASP B 122 6.42 8.34 13.80
CA ASP B 122 5.75 7.37 12.95
C ASP B 122 6.76 6.35 12.39
N ARG B 123 6.30 5.33 11.67
CA ARG B 123 7.18 4.26 11.24
C ARG B 123 7.05 3.86 9.78
N LEU B 124 8.19 3.49 9.22
CA LEU B 124 8.26 2.83 7.92
C LEU B 124 8.42 1.35 8.13
N GLU B 125 7.63 0.57 7.39
CA GLU B 125 7.65 -0.89 7.47
C GLU B 125 7.78 -1.44 6.07
N GLY B 126 8.46 -2.56 5.99
CA GLY B 126 8.61 -3.26 4.70
C GLY B 126 9.45 -4.50 4.94
N ALA B 127 9.93 -5.11 3.84
CA ALA B 127 10.77 -6.32 3.87
C ALA B 127 11.82 -6.37 4.99
N GLY B 128 12.77 -5.43 5.01
CA GLY B 128 13.87 -5.53 6.00
C GLY B 128 13.65 -4.72 7.28
N LEU B 129 12.41 -4.33 7.54
CA LEU B 129 12.12 -3.17 8.37
C LEU B 129 10.81 -3.38 9.13
N PRO B 130 10.89 -3.60 10.47
CA PRO B 130 12.04 -3.51 11.40
C PRO B 130 13.14 -4.58 11.22
#